data_8RNQ
#
_entry.id   8RNQ
#
_cell.length_a   76.283
_cell.length_b   76.283
_cell.length_c   186.687
_cell.angle_alpha   90.00
_cell.angle_beta   90.00
_cell.angle_gamma   90.00
#
_symmetry.space_group_name_H-M   'P 43 21 2'
#
loop_
_entity.id
_entity.type
_entity.pdbx_description
1 polymer 'Unspecific peroxygenase'
2 non-polymer 2-acetamido-2-deoxy-beta-D-glucopyranose
3 non-polymer 'PROTOPORPHYRIN IX CONTAINING FE'
4 non-polymer DODECANE
5 non-polymer DI(HYDROXYETHYL)ETHER
6 non-polymer GLYCEROL
7 non-polymer 'MAGNESIUM ION'
8 non-polymer 'SULFATE ION'
9 water water
#
_entity_poly.entity_id   1
_entity_poly.type   'polypeptide(L)'
_entity_poly.pdbx_seq_one_letter_code
;AVDFSAHPWKAPGPNDSRGPCPGLNTLANHGFLPRNGRNISVPMIVKAGFEGYNVQSDILILAGKVGMLTSREADTISLE
DLKLHGTIEHDASLSREDVAIGDNLHFNEAIFTTLANSNPGADVYNISSAAQVQHDRLADSVARNPNVTNTDLTATIRSS
ESAFYLTVMSAGDPLRGEAPKKFVNVFFQEERMPIKEGWKRSTTPINLPLLGPIIDRITELSDWKPTGDNCGAIVLGPGL
;
_entity_poly.pdbx_strand_id   A,B
#
loop_
_chem_comp.id
_chem_comp.type
_chem_comp.name
_chem_comp.formula
D12 non-polymer DODECANE 'C12 H26'
GOL non-polymer GLYCEROL 'C3 H8 O3'
HEM non-polymer 'PROTOPORPHYRIN IX CONTAINING FE' 'C34 H32 Fe N4 O4'
MG non-polymer 'MAGNESIUM ION' 'Mg 2'
NAG D-saccharide, beta linking 2-acetamido-2-deoxy-beta-D-glucopyranose 'C8 H15 N O6'
PEG non-polymer DI(HYDROXYETHYL)ETHER 'C4 H10 O3'
SO4 non-polymer 'SULFATE ION' 'O4 S -2'
#
# COMPACT_ATOMS: atom_id res chain seq x y z
N ALA A 1 30.74 -5.40 12.31
CA ALA A 1 29.74 -4.80 11.39
C ALA A 1 28.86 -3.81 12.15
N VAL A 2 28.04 -4.25 13.14
CA VAL A 2 27.22 -3.30 13.88
C VAL A 2 27.79 -3.06 15.28
N ASP A 3 28.07 -1.79 15.57
CA ASP A 3 28.65 -1.43 16.85
C ASP A 3 27.64 -0.58 17.61
N PHE A 4 27.01 -1.13 18.65
CA PHE A 4 26.02 -0.37 19.40
C PHE A 4 26.63 0.85 20.11
N SER A 5 27.91 0.75 20.50
CA SER A 5 28.56 1.87 21.16
C SER A 5 28.68 3.07 20.21
N ALA A 6 28.65 2.86 18.90
CA ALA A 6 28.69 3.94 17.92
C ALA A 6 27.28 4.46 17.59
N HIS A 7 26.28 3.94 18.30
CA HIS A 7 24.88 4.34 18.13
C HIS A 7 24.31 4.78 19.48
N PRO A 8 24.80 5.92 20.04
CA PRO A 8 24.25 6.45 21.29
C PRO A 8 22.84 7.01 21.12
N TRP A 9 22.05 6.93 22.20
CA TRP A 9 20.78 7.62 22.26
C TRP A 9 20.99 9.12 22.31
N LYS A 10 20.20 9.87 21.54
CA LYS A 10 20.12 11.31 21.64
C LYS A 10 18.67 11.72 21.54
N ALA A 11 18.24 12.61 22.45
CA ALA A 11 16.89 13.15 22.40
C ALA A 11 16.67 13.79 21.04
N PRO A 12 15.51 13.59 20.39
CA PRO A 12 15.20 14.34 19.17
C PRO A 12 15.07 15.83 19.45
N GLY A 13 15.57 16.65 18.52
CA GLY A 13 15.33 18.08 18.57
C GLY A 13 13.92 18.42 18.09
N PRO A 14 13.50 19.70 18.17
CA PRO A 14 12.11 20.06 17.82
C PRO A 14 11.76 19.93 16.34
N ASN A 15 12.77 19.86 15.46
CA ASN A 15 12.47 19.67 14.04
C ASN A 15 12.88 18.28 13.52
N ASP A 16 13.26 17.35 14.42
CA ASP A 16 13.46 15.95 14.08
C ASP A 16 12.10 15.26 14.01
N SER A 17 11.77 14.67 12.85
CA SER A 17 10.48 14.04 12.63
C SER A 17 10.39 12.76 13.46
N ARG A 18 9.30 12.61 14.23
CA ARG A 18 9.04 11.41 14.98
C ARG A 18 7.58 11.05 14.75
N GLY A 19 7.28 9.76 14.90
CA GLY A 19 5.95 9.28 14.56
C GLY A 19 5.24 8.64 15.71
N PRO A 20 4.16 7.88 15.40
CA PRO A 20 3.43 7.13 16.42
C PRO A 20 4.03 5.79 16.81
N CYS A 21 5.14 5.43 16.16
CA CYS A 21 5.75 4.11 16.32
C CYS A 21 6.99 4.22 17.20
N PRO A 22 6.98 3.61 18.39
CA PRO A 22 8.17 3.61 19.25
C PRO A 22 9.33 2.79 18.67
N GLY A 23 9.01 1.82 17.81
CA GLY A 23 10.06 1.00 17.24
C GLY A 23 10.95 1.80 16.30
N LEU A 24 10.31 2.52 15.37
CA LEU A 24 11.02 3.34 14.43
C LEU A 24 11.62 4.57 15.12
N ASN A 25 10.89 5.16 16.08
CA ASN A 25 11.42 6.34 16.77
C ASN A 25 12.72 5.99 17.50
N THR A 26 12.74 4.83 18.14
CA THR A 26 13.89 4.34 18.91
C THR A 26 15.09 4.14 17.98
N LEU A 27 14.86 3.54 16.79
CA LEU A 27 15.93 3.37 15.83
C LEU A 27 16.51 4.72 15.41
N ALA A 28 15.63 5.72 15.17
CA ALA A 28 16.08 7.06 14.81
C ALA A 28 16.85 7.71 15.96
N ASN A 29 16.42 7.51 17.20
CA ASN A 29 17.06 8.17 18.34
C ASN A 29 18.45 7.61 18.60
N HIS A 30 18.76 6.47 17.96
CA HIS A 30 20.06 5.80 18.05
C HIS A 30 20.84 5.88 16.75
N GLY A 31 20.32 6.57 15.73
CA GLY A 31 21.00 6.73 14.46
C GLY A 31 21.00 5.50 13.56
N PHE A 32 20.22 4.46 13.89
CA PHE A 32 20.06 3.33 12.98
C PHE A 32 19.23 3.77 11.77
N LEU A 33 18.25 4.67 12.03
CA LEU A 33 17.61 5.45 10.99
C LEU A 33 18.14 6.87 11.13
N PRO A 34 18.00 7.73 10.10
CA PRO A 34 18.48 9.12 10.18
C PRO A 34 17.89 9.78 11.42
N ARG A 35 18.71 10.50 12.17
CA ARG A 35 18.23 11.11 13.39
C ARG A 35 17.18 12.17 13.08
N ASN A 36 17.19 12.77 11.89
CA ASN A 36 16.17 13.77 11.56
C ASN A 36 14.80 13.13 11.21
N GLY A 37 14.74 11.81 11.16
CA GLY A 37 13.47 11.13 10.88
C GLY A 37 12.91 11.37 9.47
N ARG A 38 13.74 11.77 8.50
CA ARG A 38 13.28 12.17 7.18
CA ARG A 38 13.28 12.17 7.18
C ARG A 38 13.95 11.33 6.09
N ASN A 39 13.28 11.22 4.94
CA ASN A 39 13.84 10.60 3.73
C ASN A 39 14.14 9.14 3.99
N ILE A 40 13.17 8.43 4.59
CA ILE A 40 13.36 7.06 5.02
C ILE A 40 12.65 6.16 4.01
N SER A 41 13.40 5.20 3.47
CA SER A 41 12.91 4.23 2.50
C SER A 41 12.67 2.88 3.17
N VAL A 42 12.04 1.95 2.47
CA VAL A 42 11.81 0.64 3.04
C VAL A 42 13.15 -0.06 3.19
N PRO A 43 14.09 0.01 2.22
CA PRO A 43 15.41 -0.60 2.43
C PRO A 43 16.08 -0.12 3.72
N MET A 44 15.95 1.19 4.01
CA MET A 44 16.53 1.75 5.23
C MET A 44 15.91 1.12 6.49
N ILE A 45 14.57 0.98 6.48
CA ILE A 45 13.85 0.37 7.59
C ILE A 45 14.28 -1.10 7.77
N VAL A 46 14.39 -1.84 6.67
CA VAL A 46 14.79 -3.24 6.73
C VAL A 46 16.16 -3.34 7.42
N LYS A 47 17.11 -2.53 6.98
CA LYS A 47 18.47 -2.62 7.50
C LYS A 47 18.51 -2.18 8.96
N ALA A 48 17.81 -1.08 9.29
CA ALA A 48 17.79 -0.57 10.66
C ALA A 48 17.16 -1.57 11.62
N GLY A 49 16.04 -2.18 11.21
CA GLY A 49 15.34 -3.13 12.07
C GLY A 49 16.14 -4.41 12.29
N PHE A 50 16.93 -4.80 11.28
CA PHE A 50 17.82 -5.95 11.41
C PHE A 50 18.96 -5.63 12.38
N GLU A 51 19.63 -4.51 12.12
CA GLU A 51 20.79 -4.12 12.92
C GLU A 51 20.39 -3.87 14.38
N GLY A 52 19.34 -3.09 14.60
CA GLY A 52 18.96 -2.73 15.96
C GLY A 52 18.30 -3.86 16.73
N TYR A 53 17.41 -4.63 16.07
CA TYR A 53 16.49 -5.46 16.82
C TYR A 53 16.52 -6.94 16.40
N ASN A 54 17.19 -7.25 15.28
CA ASN A 54 17.16 -8.58 14.67
C ASN A 54 15.76 -8.89 14.16
N VAL A 55 15.02 -7.85 13.76
CA VAL A 55 13.76 -8.08 13.05
C VAL A 55 14.05 -8.27 11.57
N GLN A 56 13.43 -9.29 10.98
CA GLN A 56 13.76 -9.73 9.65
C GLN A 56 12.95 -8.97 8.59
N SER A 57 13.36 -9.17 7.34
CA SER A 57 12.85 -8.41 6.20
C SER A 57 11.40 -8.76 5.90
N ASP A 58 10.94 -9.97 6.22
CA ASP A 58 9.58 -10.36 5.86
C ASP A 58 8.54 -9.36 6.41
N ILE A 59 8.58 -9.09 7.72
CA ILE A 59 7.56 -8.22 8.31
C ILE A 59 7.84 -6.75 7.99
N LEU A 60 9.12 -6.36 7.86
CA LEU A 60 9.48 -4.97 7.62
C LEU A 60 9.20 -4.53 6.20
N ILE A 61 9.32 -5.43 5.23
CA ILE A 61 8.94 -5.12 3.87
C ILE A 61 7.42 -4.94 3.78
N LEU A 62 6.67 -5.86 4.35
CA LEU A 62 5.21 -5.82 4.32
C LEU A 62 4.68 -4.53 4.98
N ALA A 63 5.09 -4.28 6.23
CA ALA A 63 4.67 -3.08 6.97
C ALA A 63 5.21 -1.80 6.34
N GLY A 64 6.49 -1.84 5.91
CA GLY A 64 7.15 -0.68 5.35
C GLY A 64 6.44 -0.14 4.11
N LYS A 65 6.06 -1.05 3.20
CA LYS A 65 5.43 -0.61 1.97
C LYS A 65 4.04 -0.06 2.25
N VAL A 66 3.34 -0.57 3.26
CA VAL A 66 2.06 0.04 3.62
C VAL A 66 2.33 1.42 4.20
N GLY A 67 3.39 1.56 5.00
CA GLY A 67 3.74 2.85 5.56
C GLY A 67 4.11 3.89 4.50
N MET A 68 4.70 3.45 3.38
CA MET A 68 5.10 4.35 2.33
C MET A 68 3.87 5.09 1.79
N LEU A 69 2.68 4.49 1.87
CA LEU A 69 1.47 5.12 1.32
C LEU A 69 1.16 6.44 2.03
N THR A 70 1.66 6.65 3.26
CA THR A 70 1.27 7.79 4.06
C THR A 70 1.93 9.10 3.56
N SER A 71 2.96 9.03 2.72
CA SER A 71 3.64 10.23 2.21
C SER A 71 3.19 10.58 0.80
N ARG A 72 3.63 11.75 0.33
CA ARG A 72 3.40 12.16 -1.06
CA ARG A 72 3.41 12.15 -1.07
C ARG A 72 4.64 11.88 -1.93
N GLU A 73 5.68 11.27 -1.34
CA GLU A 73 6.91 11.04 -2.08
C GLU A 73 6.90 9.65 -2.73
N ALA A 74 7.76 9.47 -3.73
CA ALA A 74 7.78 8.27 -4.54
C ALA A 74 8.21 7.04 -3.74
N ASP A 75 9.17 7.18 -2.81
CA ASP A 75 9.72 5.99 -2.16
C ASP A 75 10.25 6.25 -0.74
N THR A 76 9.87 7.38 -0.12
CA THR A 76 10.32 7.73 1.19
C THR A 76 9.16 8.30 1.99
N ILE A 77 9.35 8.25 3.32
CA ILE A 77 8.48 8.92 4.29
C ILE A 77 9.33 9.74 5.26
N SER A 78 8.64 10.64 5.98
CA SER A 78 9.07 11.07 7.29
CA SER A 78 9.08 11.08 7.30
C SER A 78 8.40 10.20 8.34
N LEU A 79 9.02 10.04 9.53
CA LEU A 79 8.37 9.23 10.55
C LEU A 79 7.02 9.82 10.95
N GLU A 80 6.89 11.16 10.93
CA GLU A 80 5.63 11.77 11.34
C GLU A 80 4.50 11.44 10.36
N ASP A 81 4.83 11.23 9.08
CA ASP A 81 3.82 10.86 8.09
C ASP A 81 3.00 9.65 8.55
N LEU A 82 3.59 8.74 9.35
CA LEU A 82 2.94 7.49 9.73
C LEU A 82 1.73 7.72 10.65
N LYS A 83 1.54 8.94 11.15
CA LYS A 83 0.39 9.21 11.99
C LYS A 83 -0.91 9.21 11.17
N LEU A 84 -0.81 9.10 9.83
CA LEU A 84 -2.01 9.19 8.97
C LEU A 84 -3.04 8.17 9.41
N HIS A 85 -4.19 8.68 9.86
CA HIS A 85 -5.19 7.81 10.48
C HIS A 85 -5.82 6.88 9.44
N GLY A 86 -5.85 5.59 9.77
CA GLY A 86 -6.53 4.59 8.95
C GLY A 86 -5.68 3.97 7.84
N THR A 87 -4.40 4.33 7.73
CA THR A 87 -3.48 3.52 6.95
C THR A 87 -2.97 2.40 7.86
N ILE A 88 -1.98 2.68 8.73
CA ILE A 88 -1.65 1.80 9.83
C ILE A 88 -2.20 2.36 11.16
N GLU A 89 -2.05 3.66 11.40
CA GLU A 89 -2.41 4.28 12.67
C GLU A 89 -3.89 4.02 12.98
N HIS A 90 -4.15 3.58 14.21
CA HIS A 90 -5.46 3.09 14.61
C HIS A 90 -5.83 3.61 15.98
N ASP A 91 -7.12 3.52 16.31
CA ASP A 91 -7.58 3.74 17.67
C ASP A 91 -7.14 2.62 18.62
N ALA A 92 -7.25 2.89 19.93
CA ALA A 92 -6.99 1.95 21.00
C ALA A 92 -5.49 1.56 20.93
N SER A 93 -4.66 2.57 20.69
CA SER A 93 -3.22 2.47 20.86
C SER A 93 -2.85 2.28 22.33
N LEU A 94 -1.64 1.76 22.55
CA LEU A 94 -1.16 1.46 23.88
C LEU A 94 -0.63 2.72 24.60
N SER A 95 -0.20 3.73 23.85
CA SER A 95 0.58 4.83 24.39
C SER A 95 0.21 6.19 23.77
N ARG A 96 -0.75 6.20 22.82
CA ARG A 96 -1.21 7.38 22.14
C ARG A 96 -2.74 7.46 22.30
N GLU A 97 -3.28 8.66 22.09
CA GLU A 97 -4.74 8.87 22.19
C GLU A 97 -5.36 8.64 20.82
N ASP A 98 -6.65 8.33 20.78
CA ASP A 98 -7.37 8.26 19.51
C ASP A 98 -7.45 9.65 18.84
N VAL A 99 -7.30 9.69 17.50
CA VAL A 99 -7.17 10.94 16.78
C VAL A 99 -8.44 11.79 16.92
N ALA A 100 -9.62 11.16 17.07
CA ALA A 100 -10.87 11.92 17.13
C ALA A 100 -11.04 12.67 18.44
N ILE A 101 -10.36 12.25 19.52
CA ILE A 101 -10.54 12.84 20.83
C ILE A 101 -9.20 13.25 21.44
N GLY A 102 -8.13 13.33 20.64
CA GLY A 102 -6.82 13.67 21.18
C GLY A 102 -5.69 13.53 20.16
N ASP A 103 -4.48 13.42 20.70
CA ASP A 103 -3.22 13.42 19.95
C ASP A 103 -2.80 11.96 19.66
N ASN A 104 -2.78 11.60 18.37
CA ASN A 104 -2.58 10.23 17.92
C ASN A 104 -1.09 10.01 17.62
N LEU A 105 -0.24 11.00 17.98
CA LEU A 105 1.15 11.03 17.53
C LEU A 105 2.12 10.80 18.69
N HIS A 106 1.98 11.57 19.79
CA HIS A 106 2.97 11.60 20.85
C HIS A 106 2.66 10.59 21.96
N PHE A 107 3.73 10.09 22.59
CA PHE A 107 3.62 9.31 23.81
C PHE A 107 2.81 10.09 24.83
N ASN A 108 1.86 9.40 25.47
CA ASN A 108 1.00 9.97 26.50
C ASN A 108 1.03 9.09 27.73
N GLU A 109 1.53 9.63 28.86
CA GLU A 109 1.76 8.79 30.02
C GLU A 109 0.44 8.24 30.59
N ALA A 110 -0.61 9.06 30.57
CA ALA A 110 -1.88 8.62 31.13
C ALA A 110 -2.46 7.44 30.35
N ILE A 111 -2.33 7.44 29.02
CA ILE A 111 -2.78 6.29 28.22
C ILE A 111 -1.94 5.08 28.62
N PHE A 112 -0.63 5.29 28.73
CA PHE A 112 0.34 4.22 28.96
C PHE A 112 0.18 3.54 30.32
N THR A 113 -0.50 4.19 31.27
CA THR A 113 -0.79 3.64 32.60
C THR A 113 -1.39 2.23 32.54
N THR A 114 -2.28 1.95 31.59
CA THR A 114 -2.90 0.64 31.49
C THR A 114 -1.82 -0.42 31.28
N LEU A 115 -0.93 -0.20 30.31
CA LEU A 115 0.13 -1.16 30.06
C LEU A 115 1.09 -1.22 31.26
N ALA A 116 1.51 -0.07 31.79
CA ALA A 116 2.52 -0.03 32.85
C ALA A 116 2.05 -0.79 34.08
N ASN A 117 0.74 -0.80 34.33
CA ASN A 117 0.12 -1.44 35.49
C ASN A 117 -0.26 -2.89 35.21
N SER A 118 -0.05 -3.41 33.99
CA SER A 118 -0.45 -4.76 33.66
C SER A 118 0.49 -5.81 34.28
N ASN A 119 0.05 -7.06 34.30
CA ASN A 119 0.78 -8.18 34.90
C ASN A 119 1.24 -7.85 36.33
N PRO A 120 0.30 -7.47 37.22
CA PRO A 120 0.62 -7.20 38.62
C PRO A 120 1.33 -8.39 39.28
N GLY A 121 2.37 -8.11 40.04
CA GLY A 121 3.05 -9.15 40.81
C GLY A 121 4.21 -9.83 40.07
N ALA A 122 4.42 -9.49 38.79
CA ALA A 122 5.54 -10.03 38.04
C ALA A 122 6.42 -8.88 37.57
N ASP A 123 7.66 -9.17 37.18
CA ASP A 123 8.56 -8.16 36.66
C ASP A 123 8.64 -8.24 35.13
N VAL A 124 7.75 -9.01 34.49
CA VAL A 124 7.68 -9.07 33.02
C VAL A 124 6.25 -8.75 32.58
N TYR A 125 6.13 -8.25 31.34
CA TYR A 125 4.89 -8.32 30.59
C TYR A 125 4.93 -9.60 29.74
N ASN A 126 3.75 -10.20 29.49
CA ASN A 126 3.70 -11.46 28.74
C ASN A 126 2.45 -11.51 27.89
N ILE A 127 2.16 -12.66 27.27
CA ILE A 127 1.06 -12.75 26.32
C ILE A 127 -0.28 -12.50 27.01
N SER A 128 -0.51 -13.02 28.23
CA SER A 128 -1.82 -12.83 28.84
CA SER A 128 -1.80 -12.84 28.89
C SER A 128 -2.01 -11.38 29.28
N SER A 129 -0.96 -10.73 29.82
CA SER A 129 -1.03 -9.31 30.17
C SER A 129 -1.26 -8.45 28.94
N ALA A 130 -0.54 -8.75 27.85
CA ALA A 130 -0.69 -8.00 26.61
C ALA A 130 -2.14 -8.06 26.14
N ALA A 131 -2.75 -9.25 26.25
CA ALA A 131 -4.11 -9.42 25.76
C ALA A 131 -5.11 -8.62 26.59
N GLN A 132 -4.91 -8.63 27.91
CA GLN A 132 -5.72 -7.87 28.86
C GLN A 132 -5.64 -6.37 28.56
N VAL A 133 -4.44 -5.86 28.32
CA VAL A 133 -4.25 -4.47 27.97
C VAL A 133 -5.04 -4.14 26.69
N GLN A 134 -4.91 -4.98 25.66
CA GLN A 134 -5.66 -4.72 24.43
C GLN A 134 -7.17 -4.67 24.71
N HIS A 135 -7.69 -5.65 25.47
CA HIS A 135 -9.11 -5.66 25.80
C HIS A 135 -9.53 -4.34 26.46
N ASP A 136 -8.72 -3.88 27.42
CA ASP A 136 -9.03 -2.68 28.21
C ASP A 136 -8.93 -1.41 27.36
N ARG A 137 -7.89 -1.31 26.50
CA ARG A 137 -7.72 -0.12 25.67
C ARG A 137 -8.87 -0.01 24.67
N LEU A 138 -9.32 -1.13 24.08
CA LEU A 138 -10.42 -1.06 23.13
C LEU A 138 -11.71 -0.66 23.87
N ALA A 139 -11.93 -1.18 25.08
CA ALA A 139 -13.10 -0.79 25.87
C ALA A 139 -13.10 0.72 26.14
N ASP A 140 -11.92 1.27 26.39
CA ASP A 140 -11.75 2.69 26.59
C ASP A 140 -12.17 3.48 25.35
N SER A 141 -11.73 3.06 24.17
CA SER A 141 -12.10 3.73 22.93
C SER A 141 -13.60 3.61 22.63
N VAL A 142 -14.16 2.43 22.89
CA VAL A 142 -15.61 2.26 22.68
C VAL A 142 -16.39 3.18 23.63
N ALA A 143 -15.89 3.39 24.85
CA ALA A 143 -16.59 4.21 25.83
C ALA A 143 -16.49 5.71 25.50
N ARG A 144 -15.33 6.17 25.01
CA ARG A 144 -15.03 7.59 24.99
C ARG A 144 -14.91 8.18 23.58
N ASN A 145 -14.79 7.36 22.53
CA ASN A 145 -14.57 7.86 21.20
C ASN A 145 -15.77 7.61 20.30
N PRO A 146 -16.58 8.64 19.99
CA PRO A 146 -17.78 8.45 19.14
C PRO A 146 -17.50 8.05 17.70
N ASN A 147 -16.22 8.17 17.29
CA ASN A 147 -15.75 7.83 15.98
C ASN A 147 -14.89 6.55 15.94
N VAL A 148 -14.87 5.79 17.02
CA VAL A 148 -14.02 4.60 17.14
C VAL A 148 -14.15 3.68 15.93
N THR A 149 -12.99 3.20 15.43
CA THR A 149 -12.93 2.17 14.41
C THR A 149 -12.24 0.94 14.98
N ASN A 150 -12.95 -0.20 14.86
CA ASN A 150 -12.49 -1.48 15.39
C ASN A 150 -12.84 -2.57 14.37
N THR A 151 -11.84 -3.09 13.67
CA THR A 151 -12.03 -4.04 12.58
C THR A 151 -11.10 -5.23 12.81
N ASP A 152 -11.30 -6.31 12.07
CA ASP A 152 -10.37 -7.43 12.07
C ASP A 152 -8.95 -6.91 11.82
N LEU A 153 -8.82 -5.98 10.87
CA LEU A 153 -7.51 -5.46 10.51
C LEU A 153 -6.87 -4.69 11.68
N THR A 154 -7.58 -3.73 12.27
CA THR A 154 -7.02 -2.97 13.39
C THR A 154 -6.67 -3.90 14.54
N ALA A 155 -7.51 -4.92 14.79
CA ALA A 155 -7.27 -5.86 15.87
C ALA A 155 -5.97 -6.66 15.63
N THR A 156 -5.71 -7.07 14.39
CA THR A 156 -4.50 -7.82 14.02
C THR A 156 -3.24 -6.94 14.15
N ILE A 157 -3.35 -5.72 13.65
CA ILE A 157 -2.27 -4.73 13.76
C ILE A 157 -1.93 -4.54 15.23
N ARG A 158 -2.95 -4.37 16.07
CA ARG A 158 -2.74 -4.13 17.50
C ARG A 158 -2.03 -5.33 18.17
N SER A 159 -2.47 -6.56 17.87
CA SER A 159 -1.76 -7.73 18.38
C SER A 159 -0.31 -7.82 17.86
N SER A 160 -0.07 -7.41 16.62
CA SER A 160 1.26 -7.39 16.04
C SER A 160 2.20 -6.48 16.83
N GLU A 161 1.68 -5.33 17.19
CA GLU A 161 2.41 -4.32 17.91
C GLU A 161 2.73 -4.81 19.30
N SER A 162 1.78 -5.50 19.97
CA SER A 162 2.05 -6.05 21.28
C SER A 162 3.12 -7.13 21.18
N ALA A 163 3.04 -7.98 20.15
CA ALA A 163 4.05 -9.01 19.96
C ALA A 163 5.43 -8.40 19.72
N PHE A 164 5.46 -7.24 19.05
CA PHE A 164 6.70 -6.53 18.85
C PHE A 164 7.32 -6.13 20.19
N TYR A 165 6.57 -5.48 21.09
CA TYR A 165 7.25 -5.06 22.32
C TYR A 165 7.66 -6.26 23.17
N LEU A 166 6.88 -7.34 23.15
CA LEU A 166 7.21 -8.55 23.90
C LEU A 166 8.47 -9.23 23.35
N THR A 167 8.75 -9.10 22.05
CA THR A 167 9.86 -9.83 21.43
C THR A 167 11.13 -8.97 21.33
N VAL A 168 11.01 -7.73 20.89
CA VAL A 168 12.19 -6.94 20.57
C VAL A 168 12.88 -6.50 21.88
N MET A 169 12.09 -6.30 22.93
CA MET A 169 12.59 -5.88 24.24
C MET A 169 12.76 -7.07 25.20
N SER A 170 12.77 -8.31 24.69
CA SER A 170 12.94 -9.50 25.52
C SER A 170 14.34 -9.54 26.14
N ALA A 171 14.45 -10.29 27.24
CA ALA A 171 15.72 -10.53 27.92
C ALA A 171 16.34 -11.79 27.35
N GLY A 172 15.55 -12.86 27.32
CA GLY A 172 15.98 -14.09 26.68
C GLY A 172 15.27 -14.32 25.35
N ASP A 173 14.95 -15.58 25.11
CA ASP A 173 14.53 -16.03 23.79
C ASP A 173 13.20 -15.32 23.49
N PRO A 174 13.13 -14.56 22.40
CA PRO A 174 11.87 -13.86 22.07
C PRO A 174 10.68 -14.81 21.87
N LEU A 175 10.95 -16.09 21.57
CA LEU A 175 9.92 -17.13 21.48
C LEU A 175 9.02 -17.16 22.70
N ARG A 176 9.56 -16.83 23.87
CA ARG A 176 8.85 -16.99 25.13
C ARG A 176 7.71 -15.99 25.23
N GLY A 177 7.75 -14.92 24.44
CA GLY A 177 6.68 -13.93 24.49
C GLY A 177 6.58 -13.23 25.84
N GLU A 178 7.73 -12.83 26.38
CA GLU A 178 7.75 -12.07 27.63
C GLU A 178 8.95 -11.15 27.63
N ALA A 179 8.81 -10.00 28.27
CA ALA A 179 9.82 -8.96 28.25
C ALA A 179 9.83 -8.24 29.60
N PRO A 180 11.02 -7.94 30.15
CA PRO A 180 11.12 -7.19 31.41
C PRO A 180 10.38 -5.86 31.33
N LYS A 181 9.57 -5.55 32.34
CA LYS A 181 8.88 -4.29 32.39
C LYS A 181 9.87 -3.15 32.30
N LYS A 182 11.03 -3.25 32.97
CA LYS A 182 11.96 -2.14 32.96
C LYS A 182 12.47 -1.83 31.55
N PHE A 183 12.61 -2.87 30.70
CA PHE A 183 12.99 -2.66 29.31
C PHE A 183 11.86 -2.02 28.49
N VAL A 184 10.66 -2.61 28.54
CA VAL A 184 9.51 -2.11 27.78
C VAL A 184 9.14 -0.68 28.18
N ASN A 185 9.22 -0.36 29.47
CA ASN A 185 8.86 0.97 29.94
C ASN A 185 9.80 2.02 29.35
N VAL A 186 11.11 1.72 29.28
CA VAL A 186 12.09 2.64 28.72
C VAL A 186 11.81 2.81 27.23
N PHE A 187 11.56 1.68 26.55
CA PHE A 187 11.26 1.68 25.12
C PHE A 187 10.14 2.68 24.79
N PHE A 188 9.00 2.59 25.48
CA PHE A 188 7.85 3.46 25.22
C PHE A 188 8.07 4.88 25.75
N GLN A 189 8.55 5.03 26.98
CA GLN A 189 8.58 6.33 27.66
C GLN A 189 9.70 7.22 27.11
N GLU A 190 10.84 6.63 26.75
CA GLU A 190 11.99 7.40 26.32
C GLU A 190 12.36 7.10 24.87
N GLU A 191 11.75 6.07 24.26
CA GLU A 191 12.12 5.66 22.90
C GLU A 191 13.65 5.52 22.80
N ARG A 192 14.15 4.66 23.70
CA ARG A 192 15.56 4.39 23.88
C ARG A 192 15.73 2.89 24.05
N MET A 193 16.82 2.33 23.51
CA MET A 193 17.21 0.96 23.79
C MET A 193 17.81 0.91 25.18
N PRO A 194 17.28 0.07 26.09
CA PRO A 194 17.70 0.11 27.50
C PRO A 194 19.00 -0.65 27.75
N ILE A 195 20.08 -0.17 27.12
CA ILE A 195 21.39 -0.83 27.13
C ILE A 195 21.97 -0.79 28.55
N LYS A 196 21.96 0.41 29.15
CA LYS A 196 22.40 0.63 30.52
C LYS A 196 21.70 -0.33 31.47
N GLU A 197 20.42 -0.64 31.21
CA GLU A 197 19.61 -1.45 32.11
C GLU A 197 19.84 -2.94 31.87
N GLY A 198 20.58 -3.31 30.83
CA GLY A 198 20.99 -4.69 30.57
C GLY A 198 20.41 -5.30 29.30
N TRP A 199 19.64 -4.52 28.50
CA TRP A 199 19.06 -5.07 27.27
C TRP A 199 20.13 -5.33 26.23
N LYS A 200 19.95 -6.41 25.46
CA LYS A 200 20.76 -6.66 24.28
C LYS A 200 19.87 -7.08 23.11
N ARG A 201 20.23 -6.64 21.91
CA ARG A 201 19.64 -7.14 20.67
C ARG A 201 19.45 -8.65 20.73
N SER A 202 18.25 -9.14 20.39
CA SER A 202 17.98 -10.56 20.32
C SER A 202 19.01 -11.24 19.43
N THR A 203 19.46 -12.45 19.83
CA THR A 203 20.33 -13.26 18.99
C THR A 203 19.50 -14.24 18.15
N THR A 204 18.19 -14.28 18.40
CA THR A 204 17.24 -15.05 17.61
C THR A 204 16.52 -14.13 16.64
N PRO A 205 16.44 -14.48 15.34
CA PRO A 205 15.73 -13.65 14.35
C PRO A 205 14.26 -13.56 14.73
N ILE A 206 13.69 -12.35 14.65
CA ILE A 206 12.26 -12.12 14.85
C ILE A 206 11.64 -11.90 13.47
N ASN A 207 10.83 -12.88 13.03
CA ASN A 207 10.24 -12.92 11.71
C ASN A 207 8.77 -13.31 11.85
N LEU A 208 8.06 -13.42 10.73
CA LEU A 208 6.65 -13.77 10.77
C LEU A 208 6.38 -15.15 11.37
N PRO A 209 7.14 -16.22 11.03
CA PRO A 209 6.92 -17.51 11.68
C PRO A 209 6.97 -17.43 13.20
N LEU A 210 7.89 -16.61 13.75
CA LEU A 210 8.02 -16.49 15.19
C LEU A 210 6.86 -15.68 15.75
N LEU A 211 6.51 -14.57 15.10
CA LEU A 211 5.51 -13.65 15.64
C LEU A 211 4.10 -14.21 15.53
N GLY A 212 3.82 -14.97 14.46
CA GLY A 212 2.46 -15.42 14.13
C GLY A 212 1.68 -16.03 15.29
N PRO A 213 2.18 -17.11 15.91
CA PRO A 213 1.47 -17.77 17.00
C PRO A 213 1.33 -16.88 18.24
N ILE A 214 2.28 -15.94 18.45
CA ILE A 214 2.18 -15.00 19.55
C ILE A 214 1.00 -14.05 19.29
N ILE A 215 0.97 -13.46 18.07
CA ILE A 215 -0.09 -12.56 17.65
C ILE A 215 -1.46 -13.22 17.86
N ASP A 216 -1.59 -14.46 17.37
CA ASP A 216 -2.86 -15.17 17.40
C ASP A 216 -3.30 -15.49 18.82
N ARG A 217 -2.35 -15.82 19.70
CA ARG A 217 -2.67 -16.08 21.08
C ARG A 217 -3.08 -14.80 21.82
N ILE A 218 -2.43 -13.67 21.55
CA ILE A 218 -2.83 -12.40 22.13
C ILE A 218 -4.26 -12.10 21.73
N THR A 219 -4.56 -12.27 20.45
CA THR A 219 -5.89 -12.02 19.94
C THR A 219 -6.90 -12.90 20.68
N GLU A 220 -6.58 -14.20 20.78
CA GLU A 220 -7.50 -15.17 21.37
C GLU A 220 -7.79 -14.85 22.86
N LEU A 221 -6.75 -14.47 23.62
CA LEU A 221 -6.91 -14.18 25.05
C LEU A 221 -7.59 -12.83 25.28
N SER A 222 -7.61 -11.95 24.28
CA SER A 222 -8.17 -10.61 24.45
C SER A 222 -9.70 -10.56 24.39
N ASP A 223 -10.34 -11.70 24.05
CA ASP A 223 -11.80 -11.78 24.01
CA ASP A 223 -11.79 -11.80 23.98
C ASP A 223 -12.32 -10.69 23.07
N TRP A 224 -11.71 -10.59 21.88
CA TRP A 224 -12.07 -9.59 20.89
C TRP A 224 -13.30 -10.04 20.13
N LYS A 225 -14.21 -9.09 19.83
CA LYS A 225 -15.37 -9.39 19.01
C LYS A 225 -15.60 -8.24 18.03
N PRO A 226 -16.20 -8.50 16.84
CA PRO A 226 -16.63 -7.43 15.93
C PRO A 226 -17.68 -6.55 16.62
N THR A 227 -17.64 -5.25 16.33
CA THR A 227 -18.48 -4.26 17.00
C THR A 227 -19.30 -3.46 15.99
N GLY A 228 -18.98 -3.52 14.70
CA GLY A 228 -19.59 -2.65 13.70
C GLY A 228 -19.13 -3.00 12.29
N ASP A 229 -18.60 -2.01 11.56
CA ASP A 229 -18.38 -2.08 10.12
C ASP A 229 -17.60 -3.34 9.71
N ASN A 230 -16.40 -3.48 10.29
CA ASN A 230 -15.51 -4.62 10.06
C ASN A 230 -14.87 -4.67 8.67
N CYS A 231 -14.96 -3.61 7.87
CA CYS A 231 -14.28 -3.54 6.57
C CYS A 231 -12.81 -3.18 6.81
N GLY A 232 -11.91 -4.04 6.35
CA GLY A 232 -10.49 -3.85 6.56
C GLY A 232 -9.84 -2.95 5.49
N ALA A 233 -10.54 -1.85 5.12
CA ALA A 233 -10.06 -0.93 4.08
C ALA A 233 -9.05 0.02 4.70
N ILE A 234 -7.92 0.23 4.02
CA ILE A 234 -6.92 1.16 4.49
C ILE A 234 -7.04 2.42 3.64
N VAL A 235 -6.56 3.53 4.20
CA VAL A 235 -6.37 4.79 3.49
C VAL A 235 -5.15 4.66 2.58
N LEU A 236 -5.31 4.94 1.27
CA LEU A 236 -4.30 4.58 0.28
C LEU A 236 -3.29 5.70 0.03
N GLY A 237 -3.52 6.87 0.63
CA GLY A 237 -2.60 8.00 0.44
C GLY A 237 -3.14 9.23 1.15
N PRO A 238 -2.30 10.27 1.36
CA PRO A 238 -2.72 11.42 2.16
C PRO A 238 -3.65 12.29 1.31
N GLY A 239 -4.57 12.98 2.00
CA GLY A 239 -5.49 13.92 1.35
C GLY A 239 -6.41 13.26 0.32
N LEU A 240 -7.21 12.27 0.76
CA LEU A 240 -8.24 11.67 -0.07
C LEU A 240 -9.61 11.90 0.59
N ALA B 1 14.06 17.14 -24.50
CA ALA B 1 13.21 16.46 -25.50
C ALA B 1 13.33 14.94 -25.33
N VAL B 2 12.26 14.22 -25.66
CA VAL B 2 12.30 12.76 -25.67
C VAL B 2 12.42 12.29 -27.13
N ASP B 3 13.44 11.45 -27.39
CA ASP B 3 13.60 10.80 -28.68
C ASP B 3 13.00 9.40 -28.67
N PHE B 4 11.88 9.25 -29.40
CA PHE B 4 11.20 7.97 -29.52
C PHE B 4 11.96 7.05 -30.48
N SER B 5 12.80 7.58 -31.37
CA SER B 5 13.65 6.73 -32.19
C SER B 5 14.67 5.96 -31.33
N ALA B 6 15.04 6.50 -30.15
CA ALA B 6 15.91 5.79 -29.22
C ALA B 6 15.14 4.73 -28.41
N HIS B 7 13.81 4.71 -28.54
CA HIS B 7 12.95 3.82 -27.78
C HIS B 7 12.04 3.05 -28.74
N PRO B 8 12.61 2.17 -29.59
CA PRO B 8 11.79 1.38 -30.51
C PRO B 8 11.01 0.28 -29.81
N TRP B 9 9.84 -0.07 -30.36
CA TRP B 9 9.08 -1.22 -29.92
C TRP B 9 9.83 -2.48 -30.25
N LYS B 10 9.86 -3.42 -29.30
CA LYS B 10 10.35 -4.78 -29.52
C LYS B 10 9.42 -5.74 -28.79
N ALA B 11 9.01 -6.82 -29.49
CA ALA B 11 8.16 -7.83 -28.88
C ALA B 11 8.81 -8.35 -27.61
N PRO B 12 8.05 -8.54 -26.52
CA PRO B 12 8.61 -9.19 -25.33
C PRO B 12 9.03 -10.64 -25.62
N GLY B 13 10.20 -11.03 -25.10
CA GLY B 13 10.63 -12.41 -25.14
C GLY B 13 9.90 -13.26 -24.10
N PRO B 14 10.14 -14.59 -24.07
CA PRO B 14 9.34 -15.49 -23.23
C PRO B 14 9.59 -15.35 -21.73
N ASN B 15 10.74 -14.79 -21.35
CA ASN B 15 11.06 -14.61 -19.94
C ASN B 15 11.16 -13.11 -19.58
N ASP B 16 10.59 -12.25 -20.43
CA ASP B 16 10.32 -10.85 -20.08
C ASP B 16 9.02 -10.81 -19.26
N SER B 17 9.07 -10.19 -18.09
CA SER B 17 7.89 -10.07 -17.24
C SER B 17 6.91 -9.04 -17.82
N ARG B 18 5.65 -9.45 -17.98
CA ARG B 18 4.62 -8.53 -18.42
C ARG B 18 3.41 -8.75 -17.51
N GLY B 19 2.56 -7.71 -17.38
CA GLY B 19 1.49 -7.77 -16.41
C GLY B 19 0.12 -7.55 -17.03
N PRO B 20 -0.89 -7.22 -16.18
CA PRO B 20 -2.24 -6.90 -16.67
C PRO B 20 -2.44 -5.48 -17.17
N CYS B 21 -1.38 -4.65 -17.13
CA CYS B 21 -1.51 -3.25 -17.45
C CYS B 21 -0.90 -2.93 -18.79
N PRO B 22 -1.70 -2.51 -19.79
CA PRO B 22 -1.15 -2.13 -21.09
C PRO B 22 -0.29 -0.87 -21.05
N GLY B 23 -0.54 0.00 -20.05
CA GLY B 23 0.27 1.20 -19.95
C GLY B 23 1.73 0.88 -19.63
N LEU B 24 1.94 0.09 -18.59
CA LEU B 24 3.29 -0.23 -18.16
C LEU B 24 3.90 -1.27 -19.12
N ASN B 25 3.12 -2.19 -19.68
CA ASN B 25 3.64 -3.15 -20.63
C ASN B 25 4.23 -2.44 -21.85
N THR B 26 3.49 -1.43 -22.35
CA THR B 26 3.90 -0.65 -23.51
C THR B 26 5.17 0.12 -23.22
N LEU B 27 5.31 0.70 -22.03
CA LEU B 27 6.53 1.41 -21.68
C LEU B 27 7.72 0.44 -21.70
N ALA B 28 7.51 -0.77 -21.17
CA ALA B 28 8.57 -1.78 -21.17
C ALA B 28 8.93 -2.20 -22.60
N ASN B 29 7.92 -2.35 -23.47
CA ASN B 29 8.14 -2.80 -24.85
C ASN B 29 8.90 -1.77 -25.66
N HIS B 30 9.00 -0.54 -25.14
CA HIS B 30 9.73 0.55 -25.76
C HIS B 30 11.00 0.93 -24.99
N GLY B 31 11.32 0.19 -23.92
CA GLY B 31 12.52 0.43 -23.11
C GLY B 31 12.48 1.70 -22.25
N PHE B 32 11.30 2.31 -22.09
CA PHE B 32 11.14 3.38 -21.12
C PHE B 32 11.20 2.83 -19.70
N LEU B 33 10.65 1.64 -19.52
CA LEU B 33 10.97 0.76 -18.39
C LEU B 33 11.86 -0.36 -18.90
N PRO B 34 12.57 -1.11 -18.02
CA PRO B 34 13.42 -2.22 -18.46
C PRO B 34 12.61 -3.19 -19.32
N ARG B 35 13.18 -3.60 -20.45
CA ARG B 35 12.50 -4.51 -21.36
C ARG B 35 12.17 -5.82 -20.67
N ASN B 36 12.95 -6.22 -19.66
CA ASN B 36 12.71 -7.48 -18.99
C ASN B 36 11.56 -7.37 -17.97
N GLY B 37 11.01 -6.18 -17.77
CA GLY B 37 9.85 -6.03 -16.89
C GLY B 37 10.15 -6.28 -15.42
N ARG B 38 11.42 -6.21 -14.99
CA ARG B 38 11.82 -6.65 -13.65
CA ARG B 38 11.80 -6.63 -13.65
C ARG B 38 12.54 -5.52 -12.92
N ASN B 39 12.48 -5.58 -11.58
CA ASN B 39 13.22 -4.64 -10.73
C ASN B 39 12.77 -3.20 -11.04
N ILE B 40 11.45 -2.98 -11.05
CA ILE B 40 10.86 -1.70 -11.39
C ILE B 40 10.40 -1.02 -10.11
N SER B 41 10.88 0.21 -9.90
CA SER B 41 10.60 1.03 -8.73
C SER B 41 9.58 2.10 -9.08
N VAL B 42 9.06 2.77 -8.05
CA VAL B 42 8.12 3.85 -8.32
C VAL B 42 8.83 4.99 -9.05
N PRO B 43 10.07 5.41 -8.66
CA PRO B 43 10.78 6.44 -9.43
C PRO B 43 10.91 6.10 -10.91
N MET B 44 11.16 4.83 -11.23
CA MET B 44 11.28 4.42 -12.64
C MET B 44 9.94 4.59 -13.37
N ILE B 45 8.84 4.23 -12.71
CA ILE B 45 7.51 4.38 -13.28
C ILE B 45 7.18 5.86 -13.49
N VAL B 46 7.51 6.72 -12.52
CA VAL B 46 7.26 8.13 -12.65
C VAL B 46 7.99 8.69 -13.88
N LYS B 47 9.28 8.34 -14.02
CA LYS B 47 10.07 8.90 -15.10
C LYS B 47 9.58 8.35 -16.45
N ALA B 48 9.30 7.04 -16.49
CA ALA B 48 8.87 6.40 -17.73
C ALA B 48 7.53 6.97 -18.19
N GLY B 49 6.59 7.14 -17.24
CA GLY B 49 5.27 7.64 -17.58
C GLY B 49 5.32 9.08 -18.10
N PHE B 50 6.26 9.86 -17.54
CA PHE B 50 6.47 11.21 -18.01
C PHE B 50 7.04 11.21 -19.43
N GLU B 51 8.15 10.47 -19.62
CA GLU B 51 8.84 10.44 -20.91
C GLU B 51 7.93 9.88 -22.00
N GLY B 52 7.31 8.72 -21.77
CA GLY B 52 6.48 8.10 -22.79
C GLY B 52 5.17 8.84 -23.07
N TYR B 53 4.48 9.29 -22.02
CA TYR B 53 3.06 9.62 -22.15
C TYR B 53 2.72 11.03 -21.68
N ASN B 54 3.66 11.70 -20.99
CA ASN B 54 3.41 12.98 -20.33
C ASN B 54 2.40 12.79 -19.19
N VAL B 55 2.40 11.60 -18.56
CA VAL B 55 1.64 11.39 -17.33
C VAL B 55 2.48 11.87 -16.15
N GLN B 56 1.86 12.61 -15.23
CA GLN B 56 2.59 13.32 -14.19
C GLN B 56 2.72 12.47 -12.93
N SER B 57 3.52 12.98 -11.97
CA SER B 57 3.92 12.17 -10.83
C SER B 57 2.78 11.97 -9.83
N ASP B 58 1.78 12.88 -9.82
CA ASP B 58 0.71 12.78 -8.82
C ASP B 58 0.04 11.40 -8.87
N ILE B 59 -0.42 10.99 -10.07
CA ILE B 59 -1.12 9.74 -10.20
C ILE B 59 -0.17 8.54 -10.14
N LEU B 60 1.06 8.69 -10.66
CA LEU B 60 1.99 7.57 -10.75
C LEU B 60 2.60 7.22 -9.39
N ILE B 61 2.78 8.20 -8.50
CA ILE B 61 3.25 7.92 -7.17
C ILE B 61 2.17 7.20 -6.38
N LEU B 62 0.94 7.72 -6.45
CA LEU B 62 -0.18 7.12 -5.75
C LEU B 62 -0.44 5.68 -6.22
N ALA B 63 -0.55 5.46 -7.54
CA ALA B 63 -0.81 4.13 -8.08
C ALA B 63 0.41 3.22 -7.89
N GLY B 64 1.59 3.78 -8.12
CA GLY B 64 2.84 3.03 -8.02
C GLY B 64 3.07 2.42 -6.65
N LYS B 65 2.86 3.20 -5.59
CA LYS B 65 3.12 2.68 -4.25
C LYS B 65 2.07 1.64 -3.86
N VAL B 66 0.82 1.75 -4.37
CA VAL B 66 -0.10 0.65 -4.19
C VAL B 66 0.36 -0.59 -4.97
N GLY B 67 0.86 -0.39 -6.18
CA GLY B 67 1.37 -1.51 -6.98
C GLY B 67 2.56 -2.23 -6.31
N MET B 68 3.38 -1.47 -5.57
CA MET B 68 4.52 -2.08 -4.90
C MET B 68 4.10 -3.14 -3.91
N LEU B 69 2.86 -3.07 -3.38
CA LEU B 69 2.41 -4.03 -2.39
C LEU B 69 2.37 -5.45 -2.97
N THR B 70 2.29 -5.59 -4.29
CA THR B 70 2.03 -6.88 -4.91
C THR B 70 3.28 -7.75 -4.91
N SER B 71 4.48 -7.19 -4.68
CA SER B 71 5.72 -7.98 -4.66
C SER B 71 6.16 -8.33 -3.23
N ARG B 72 7.19 -9.18 -3.16
CA ARG B 72 7.83 -9.52 -1.89
C ARG B 72 9.11 -8.72 -1.69
N GLU B 73 9.44 -7.80 -2.61
CA GLU B 73 10.66 -7.03 -2.55
C GLU B 73 10.41 -5.70 -1.83
N ALA B 74 11.51 -5.10 -1.36
CA ALA B 74 11.42 -3.91 -0.52
C ALA B 74 10.92 -2.70 -1.30
N ASP B 75 11.33 -2.52 -2.57
CA ASP B 75 10.98 -1.29 -3.28
C ASP B 75 10.86 -1.47 -4.79
N THR B 76 10.70 -2.72 -5.25
CA THR B 76 10.53 -2.99 -6.67
C THR B 76 9.45 -4.04 -6.86
N ILE B 77 8.98 -4.12 -8.12
CA ILE B 77 8.12 -5.18 -8.59
C ILE B 77 8.66 -5.71 -9.92
N SER B 78 8.14 -6.89 -10.28
CA SER B 78 8.06 -7.29 -11.68
CA SER B 78 8.05 -7.30 -11.67
C SER B 78 6.68 -6.93 -12.18
N LEU B 79 6.54 -6.64 -13.49
CA LEU B 79 5.24 -6.27 -14.02
C LEU B 79 4.20 -7.37 -13.79
N GLU B 80 4.61 -8.64 -13.82
CA GLU B 80 3.67 -9.72 -13.63
C GLU B 80 3.10 -9.73 -12.21
N ASP B 81 3.85 -9.21 -11.24
CA ASP B 81 3.37 -9.19 -9.86
C ASP B 81 2.02 -8.46 -9.76
N LEU B 82 1.79 -7.49 -10.65
CA LEU B 82 0.61 -6.63 -10.60
C LEU B 82 -0.68 -7.39 -10.87
N LYS B 83 -0.59 -8.67 -11.30
CA LYS B 83 -1.80 -9.46 -11.50
C LYS B 83 -2.45 -9.81 -10.17
N LEU B 84 -1.78 -9.53 -9.04
CA LEU B 84 -2.30 -9.96 -7.74
C LEU B 84 -3.74 -9.47 -7.56
N HIS B 85 -4.66 -10.41 -7.43
CA HIS B 85 -6.08 -10.06 -7.39
C HIS B 85 -6.42 -9.32 -6.08
N GLY B 86 -7.10 -8.18 -6.23
CA GLY B 86 -7.66 -7.45 -5.11
C GLY B 86 -6.70 -6.40 -4.54
N THR B 87 -5.50 -6.24 -5.12
CA THR B 87 -4.70 -5.06 -4.81
C THR B 87 -5.17 -3.94 -5.74
N ILE B 88 -4.68 -3.92 -6.96
CA ILE B 88 -5.23 -3.09 -8.02
C ILE B 88 -6.08 -3.96 -8.96
N GLU B 89 -5.55 -5.13 -9.36
CA GLU B 89 -6.22 -6.00 -10.32
C GLU B 89 -7.64 -6.33 -9.86
N HIS B 90 -8.59 -6.23 -10.80
CA HIS B 90 -9.99 -6.31 -10.50
C HIS B 90 -10.74 -7.08 -11.60
N ASP B 91 -11.95 -7.51 -11.25
CA ASP B 91 -12.90 -8.05 -12.19
C ASP B 91 -13.40 -6.97 -13.16
N ALA B 92 -14.00 -7.42 -14.28
CA ALA B 92 -14.62 -6.55 -15.27
C ALA B 92 -13.56 -5.62 -15.84
N SER B 93 -12.40 -6.21 -16.16
CA SER B 93 -11.37 -5.60 -16.98
C SER B 93 -11.85 -5.45 -18.43
N LEU B 94 -11.19 -4.56 -19.16
CA LEU B 94 -11.51 -4.26 -20.54
C LEU B 94 -10.92 -5.31 -21.49
N SER B 95 -9.85 -6.01 -21.10
CA SER B 95 -9.07 -6.81 -22.07
C SER B 95 -8.54 -8.11 -21.45
N ARG B 96 -8.90 -8.39 -20.18
CA ARG B 96 -8.50 -9.58 -19.46
C ARG B 96 -9.76 -10.22 -18.88
N GLU B 97 -9.68 -11.50 -18.53
CA GLU B 97 -10.77 -12.22 -17.90
C GLU B 97 -10.72 -12.04 -16.38
N ASP B 98 -11.86 -12.23 -15.71
CA ASP B 98 -11.88 -12.33 -14.25
C ASP B 98 -11.10 -13.55 -13.76
N VAL B 99 -10.32 -13.37 -12.67
CA VAL B 99 -9.42 -14.42 -12.18
C VAL B 99 -10.18 -15.68 -11.78
N ALA B 100 -11.43 -15.57 -11.28
CA ALA B 100 -12.17 -16.73 -10.80
C ALA B 100 -12.62 -17.64 -11.95
N ILE B 101 -12.70 -17.12 -13.18
CA ILE B 101 -13.24 -17.87 -14.31
C ILE B 101 -12.29 -17.81 -15.50
N GLY B 102 -11.04 -17.39 -15.31
CA GLY B 102 -10.11 -17.28 -16.41
C GLY B 102 -8.79 -16.62 -16.03
N ASP B 103 -8.11 -16.13 -17.07
CA ASP B 103 -6.76 -15.57 -17.03
C ASP B 103 -6.87 -14.04 -16.88
N ASN B 104 -6.40 -13.56 -15.71
CA ASN B 104 -6.54 -12.15 -15.33
C ASN B 104 -5.29 -11.37 -15.73
N LEU B 105 -4.39 -12.02 -16.50
CA LEU B 105 -3.06 -11.49 -16.80
C LEU B 105 -2.93 -11.07 -18.26
N HIS B 106 -3.29 -11.96 -19.22
CA HIS B 106 -2.96 -11.74 -20.62
C HIS B 106 -4.09 -11.03 -21.37
N PHE B 107 -3.71 -10.23 -22.37
CA PHE B 107 -4.65 -9.71 -23.35
C PHE B 107 -5.49 -10.85 -23.92
N ASN B 108 -6.81 -10.64 -23.98
CA ASN B 108 -7.75 -11.63 -24.49
C ASN B 108 -8.65 -10.95 -25.53
N GLU B 109 -8.55 -11.38 -26.80
CA GLU B 109 -9.23 -10.67 -27.86
C GLU B 109 -10.76 -10.76 -27.69
N ALA B 110 -11.28 -11.91 -27.26
CA ALA B 110 -12.71 -12.07 -27.10
C ALA B 110 -13.28 -11.08 -26.06
N ILE B 111 -12.55 -10.87 -24.95
CA ILE B 111 -13.01 -9.89 -23.95
C ILE B 111 -12.97 -8.51 -24.60
N PHE B 112 -11.86 -8.21 -25.31
CA PHE B 112 -11.60 -6.90 -25.89
C PHE B 112 -12.63 -6.49 -26.96
N THR B 113 -13.35 -7.48 -27.54
CA THR B 113 -14.41 -7.23 -28.52
C THR B 113 -15.39 -6.14 -28.10
N THR B 114 -15.78 -6.10 -26.81
CA THR B 114 -16.75 -5.13 -26.36
C THR B 114 -16.20 -3.72 -26.58
N LEU B 115 -14.94 -3.46 -26.17
CA LEU B 115 -14.37 -2.15 -26.38
C LEU B 115 -14.18 -1.87 -27.89
N ALA B 116 -13.63 -2.85 -28.63
CA ALA B 116 -13.30 -2.64 -30.04
C ALA B 116 -14.55 -2.28 -30.86
N ASN B 117 -15.71 -2.78 -30.44
CA ASN B 117 -16.98 -2.58 -31.12
C ASN B 117 -17.73 -1.34 -30.63
N SER B 118 -17.21 -0.64 -29.59
CA SER B 118 -17.95 0.48 -29.01
C SER B 118 -17.87 1.69 -29.93
N ASN B 119 -18.71 2.69 -29.62
CA ASN B 119 -18.83 3.92 -30.39
C ASN B 119 -18.97 3.62 -31.88
N PRO B 120 -19.97 2.80 -32.27
CA PRO B 120 -20.19 2.47 -33.69
C PRO B 120 -20.38 3.74 -34.52
N GLY B 121 -19.74 3.77 -35.69
CA GLY B 121 -19.93 4.85 -36.66
C GLY B 121 -19.00 6.05 -36.44
N ALA B 122 -18.19 6.07 -35.36
CA ALA B 122 -17.16 7.08 -35.20
C ALA B 122 -15.80 6.42 -35.32
N ASP B 123 -14.75 7.19 -35.61
CA ASP B 123 -13.41 6.67 -35.66
C ASP B 123 -12.67 6.95 -34.33
N VAL B 124 -13.39 7.37 -33.28
CA VAL B 124 -12.81 7.61 -31.96
C VAL B 124 -13.63 6.85 -30.91
N TYR B 125 -12.97 6.49 -29.79
CA TYR B 125 -13.64 6.18 -28.55
C TYR B 125 -13.73 7.47 -27.74
N ASN B 126 -14.77 7.61 -26.90
CA ASN B 126 -14.96 8.83 -26.13
C ASN B 126 -15.60 8.50 -24.77
N ILE B 127 -15.99 9.51 -23.99
CA ILE B 127 -16.48 9.29 -22.63
C ILE B 127 -17.75 8.46 -22.63
N SER B 128 -18.70 8.69 -23.54
CA SER B 128 -19.95 7.93 -23.50
CA SER B 128 -19.95 7.94 -23.56
C SER B 128 -19.72 6.47 -23.91
N SER B 129 -18.89 6.22 -24.94
CA SER B 129 -18.57 4.85 -25.34
C SER B 129 -17.82 4.11 -24.21
N ALA B 130 -16.88 4.82 -23.55
CA ALA B 130 -16.12 4.21 -22.46
C ALA B 130 -17.06 3.80 -21.33
N ALA B 131 -18.06 4.64 -21.05
CA ALA B 131 -19.00 4.35 -19.97
C ALA B 131 -19.86 3.13 -20.32
N GLN B 132 -20.30 3.04 -21.58
CA GLN B 132 -21.11 1.92 -22.06
C GLN B 132 -20.33 0.61 -21.96
N VAL B 133 -19.06 0.64 -22.37
CA VAL B 133 -18.19 -0.52 -22.25
C VAL B 133 -18.11 -0.95 -20.79
N GLN B 134 -17.86 0.00 -19.86
CA GLN B 134 -17.78 -0.38 -18.45
C GLN B 134 -19.07 -1.02 -17.99
N HIS B 135 -20.23 -0.45 -18.35
CA HIS B 135 -21.52 -1.01 -17.96
C HIS B 135 -21.64 -2.47 -18.45
N ASP B 136 -21.27 -2.70 -19.70
CA ASP B 136 -21.40 -4.01 -20.34
C ASP B 136 -20.40 -5.03 -19.76
N ARG B 137 -19.15 -4.59 -19.50
CA ARG B 137 -18.14 -5.48 -18.94
C ARG B 137 -18.55 -5.94 -17.53
N LEU B 138 -19.07 -5.01 -16.72
CA LEU B 138 -19.49 -5.35 -15.36
C LEU B 138 -20.70 -6.30 -15.41
N ALA B 139 -21.65 -6.05 -16.31
CA ALA B 139 -22.83 -6.92 -16.42
C ALA B 139 -22.39 -8.34 -16.79
N ASP B 140 -21.41 -8.46 -17.69
CA ASP B 140 -20.84 -9.73 -18.05
C ASP B 140 -20.31 -10.45 -16.81
N SER B 141 -19.51 -9.76 -15.97
CA SER B 141 -18.94 -10.38 -14.77
C SER B 141 -20.03 -10.76 -13.78
N VAL B 142 -21.05 -9.93 -13.61
CA VAL B 142 -22.11 -10.25 -12.67
C VAL B 142 -22.87 -11.48 -13.16
N ALA B 143 -23.02 -11.63 -14.49
CA ALA B 143 -23.74 -12.78 -15.03
C ALA B 143 -22.93 -14.08 -14.91
N ARG B 144 -21.62 -14.03 -15.13
CA ARG B 144 -20.83 -15.24 -15.31
C ARG B 144 -19.87 -15.55 -14.16
N ASN B 145 -19.66 -14.61 -13.23
CA ASN B 145 -18.70 -14.79 -12.15
C ASN B 145 -19.41 -14.67 -10.81
N PRO B 146 -19.76 -15.79 -10.14
CA PRO B 146 -20.41 -15.72 -8.83
C PRO B 146 -19.57 -15.11 -7.71
N ASN B 147 -18.26 -14.94 -7.98
CA ASN B 147 -17.35 -14.37 -7.00
C ASN B 147 -16.96 -12.92 -7.32
N VAL B 148 -17.71 -12.28 -8.22
CA VAL B 148 -17.41 -10.92 -8.68
C VAL B 148 -17.25 -9.98 -7.48
N THR B 149 -16.22 -9.14 -7.53
CA THR B 149 -16.04 -8.03 -6.61
C THR B 149 -16.20 -6.73 -7.39
N ASN B 150 -17.13 -5.90 -6.92
CA ASN B 150 -17.51 -4.63 -7.54
C ASN B 150 -17.86 -3.65 -6.43
N THR B 151 -16.98 -2.67 -6.20
CA THR B 151 -17.02 -1.78 -5.05
C THR B 151 -16.77 -0.37 -5.53
N ASP B 152 -16.97 0.62 -4.65
CA ASP B 152 -16.63 1.99 -5.00
C ASP B 152 -15.19 2.06 -5.51
N LEU B 153 -14.30 1.32 -4.83
CA LEU B 153 -12.90 1.36 -5.20
C LEU B 153 -12.65 0.76 -6.59
N THR B 154 -13.17 -0.46 -6.87
CA THR B 154 -12.90 -1.09 -8.15
C THR B 154 -13.52 -0.26 -9.27
N ALA B 155 -14.70 0.31 -9.03
CA ALA B 155 -15.36 1.17 -10.01
C ALA B 155 -14.52 2.42 -10.33
N THR B 156 -13.88 3.03 -9.32
CA THR B 156 -13.03 4.21 -9.53
C THR B 156 -11.78 3.85 -10.34
N ILE B 157 -11.15 2.75 -9.98
CA ILE B 157 -9.96 2.24 -10.70
C ILE B 157 -10.34 2.00 -12.15
N ARG B 158 -11.49 1.38 -12.38
CA ARG B 158 -11.94 1.08 -13.74
C ARG B 158 -12.16 2.34 -14.56
N SER B 159 -12.83 3.34 -13.99
CA SER B 159 -13.01 4.59 -14.73
C SER B 159 -11.67 5.29 -14.96
N SER B 160 -10.72 5.17 -14.01
CA SER B 160 -9.38 5.74 -14.17
C SER B 160 -8.67 5.15 -15.38
N GLU B 161 -8.78 3.83 -15.51
CA GLU B 161 -8.15 3.07 -16.59
C GLU B 161 -8.75 3.49 -17.94
N SER B 162 -10.08 3.68 -18.00
CA SER B 162 -10.71 4.15 -19.22
C SER B 162 -10.24 5.55 -19.57
N ALA B 163 -10.13 6.41 -18.54
CA ALA B 163 -9.65 7.76 -18.77
C ALA B 163 -8.21 7.77 -19.29
N PHE B 164 -7.41 6.82 -18.79
CA PHE B 164 -6.05 6.68 -19.28
C PHE B 164 -6.02 6.39 -20.78
N TYR B 165 -6.81 5.44 -21.27
CA TYR B 165 -6.64 5.13 -22.69
C TYR B 165 -7.20 6.28 -23.54
N LEU B 166 -8.26 6.96 -23.06
CA LEU B 166 -8.80 8.12 -23.76
C LEU B 166 -7.80 9.27 -23.84
N THR B 167 -6.92 9.43 -22.84
CA THR B 167 -6.05 10.59 -22.75
C THR B 167 -4.66 10.31 -23.31
N VAL B 168 -4.06 9.18 -22.95
CA VAL B 168 -2.66 8.93 -23.28
C VAL B 168 -2.55 8.65 -24.79
N MET B 169 -3.59 8.02 -25.33
CA MET B 169 -3.63 7.66 -26.75
C MET B 169 -4.40 8.70 -27.58
N SER B 170 -4.59 9.91 -27.07
CA SER B 170 -5.35 10.93 -27.79
C SER B 170 -4.53 11.45 -28.98
N ALA B 171 -5.26 12.01 -29.96
CA ALA B 171 -4.68 12.65 -31.13
C ALA B 171 -4.38 14.11 -30.82
N GLY B 172 -5.39 14.80 -30.28
CA GLY B 172 -5.21 16.17 -29.86
C GLY B 172 -5.26 16.28 -28.34
N ASP B 173 -5.93 17.34 -27.87
CA ASP B 173 -5.83 17.75 -26.48
C ASP B 173 -6.44 16.63 -25.64
N PRO B 174 -5.69 16.02 -24.70
CA PRO B 174 -6.26 14.93 -23.89
C PRO B 174 -7.49 15.37 -23.09
N LEU B 175 -7.60 16.68 -22.81
CA LEU B 175 -8.78 17.27 -22.17
C LEU B 175 -10.08 16.82 -22.80
N ARG B 176 -10.07 16.58 -24.12
CA ARG B 176 -11.31 16.36 -24.87
C ARG B 176 -11.90 14.99 -24.53
N GLY B 177 -11.10 14.09 -23.96
CA GLY B 177 -11.62 12.78 -23.58
C GLY B 177 -12.02 11.93 -24.78
N GLU B 178 -11.20 11.91 -25.83
CA GLU B 178 -11.47 11.04 -26.96
C GLU B 178 -10.16 10.67 -27.64
N ALA B 179 -10.11 9.47 -28.20
CA ALA B 179 -8.88 8.92 -28.78
C ALA B 179 -9.23 8.10 -30.03
N PRO B 180 -8.40 8.19 -31.09
CA PRO B 180 -8.61 7.37 -32.29
C PRO B 180 -8.65 5.90 -31.96
N LYS B 181 -9.65 5.20 -32.48
CA LYS B 181 -9.73 3.76 -32.32
C LYS B 181 -8.44 3.09 -32.82
N LYS B 182 -7.87 3.59 -33.92
CA LYS B 182 -6.69 2.94 -34.48
C LYS B 182 -5.51 2.99 -33.49
N PHE B 183 -5.42 4.09 -32.72
CA PHE B 183 -4.37 4.20 -31.70
C PHE B 183 -4.64 3.28 -30.50
N VAL B 184 -5.85 3.36 -29.94
CA VAL B 184 -6.21 2.59 -28.76
C VAL B 184 -6.14 1.09 -29.05
N ASN B 185 -6.57 0.66 -30.25
CA ASN B 185 -6.55 -0.77 -30.54
C ASN B 185 -5.13 -1.32 -30.55
N VAL B 186 -4.17 -0.56 -31.12
CA VAL B 186 -2.78 -0.97 -31.14
C VAL B 186 -2.24 -1.03 -29.71
N PHE B 187 -2.57 -0.01 -28.92
CA PHE B 187 -2.14 0.07 -27.52
C PHE B 187 -2.50 -1.21 -26.76
N PHE B 188 -3.76 -1.66 -26.84
CA PHE B 188 -4.21 -2.84 -26.13
C PHE B 188 -3.72 -4.14 -26.81
N GLN B 189 -3.85 -4.23 -28.14
CA GLN B 189 -3.63 -5.50 -28.85
C GLN B 189 -2.14 -5.81 -28.97
N GLU B 190 -1.29 -4.80 -29.17
CA GLU B 190 0.14 -5.01 -29.38
C GLU B 190 0.99 -4.43 -28.25
N GLU B 191 0.37 -3.64 -27.35
CA GLU B 191 1.12 -2.95 -26.31
C GLU B 191 2.31 -2.24 -26.92
N ARG B 192 1.96 -1.38 -27.88
CA ARG B 192 2.90 -0.60 -28.67
C ARG B 192 2.34 0.82 -28.75
N MET B 193 3.25 1.81 -28.73
CA MET B 193 2.89 3.18 -29.06
C MET B 193 2.69 3.25 -30.58
N PRO B 194 1.52 3.71 -31.07
CA PRO B 194 1.23 3.67 -32.51
C PRO B 194 1.85 4.83 -33.28
N ILE B 195 3.19 4.89 -33.26
CA ILE B 195 3.96 5.98 -33.85
C ILE B 195 3.80 5.96 -35.37
N LYS B 196 3.94 4.78 -35.96
CA LYS B 196 3.76 4.57 -37.40
C LYS B 196 2.38 5.07 -37.82
N GLU B 197 1.38 4.88 -36.95
CA GLU B 197 -0.01 5.20 -37.29
C GLU B 197 -0.32 6.68 -37.08
N GLY B 198 0.62 7.44 -36.50
CA GLY B 198 0.51 8.90 -36.40
C GLY B 198 0.46 9.43 -34.96
N TRP B 199 0.50 8.54 -33.95
CA TRP B 199 0.40 8.98 -32.56
C TRP B 199 1.66 9.74 -32.15
N LYS B 200 1.47 10.77 -31.31
CA LYS B 200 2.57 11.43 -30.63
C LYS B 200 2.22 11.64 -29.17
N ARG B 201 3.22 11.50 -28.31
CA ARG B 201 3.14 11.88 -26.92
C ARG B 201 2.41 13.21 -26.79
N SER B 202 1.41 13.25 -25.89
CA SER B 202 0.71 14.47 -25.54
C SER B 202 1.69 15.57 -25.17
N THR B 203 1.39 16.81 -25.61
CA THR B 203 2.16 17.97 -25.22
C THR B 203 1.48 18.65 -24.02
N THR B 204 0.28 18.18 -23.63
CA THR B 204 -0.40 18.61 -22.43
C THR B 204 -0.16 17.61 -21.30
N PRO B 205 0.24 18.05 -20.08
CA PRO B 205 0.47 17.13 -18.97
C PRO B 205 -0.83 16.44 -18.60
N ILE B 206 -0.79 15.11 -18.41
CA ILE B 206 -1.91 14.34 -17.91
C ILE B 206 -1.71 14.07 -16.41
N ASN B 207 -2.55 14.69 -15.58
CA ASN B 207 -2.43 14.65 -14.13
C ASN B 207 -3.83 14.46 -13.53
N LEU B 208 -3.92 14.48 -12.19
CA LEU B 208 -5.19 14.21 -11.54
C LEU B 208 -6.22 15.30 -11.85
N PRO B 209 -5.87 16.61 -11.82
CA PRO B 209 -6.87 17.63 -12.17
C PRO B 209 -7.48 17.41 -13.55
N LEU B 210 -6.68 16.98 -14.54
CA LEU B 210 -7.20 16.71 -15.86
C LEU B 210 -8.07 15.45 -15.87
N LEU B 211 -7.62 14.38 -15.23
CA LEU B 211 -8.30 13.08 -15.31
C LEU B 211 -9.58 13.09 -14.50
N GLY B 212 -9.62 13.83 -13.37
CA GLY B 212 -10.70 13.68 -12.41
C GLY B 212 -12.11 13.83 -12.99
N PRO B 213 -12.41 14.94 -13.68
CA PRO B 213 -13.74 15.13 -14.27
C PRO B 213 -14.08 14.09 -15.35
N ILE B 214 -13.06 13.56 -16.05
CA ILE B 214 -13.28 12.52 -17.03
C ILE B 214 -13.71 11.23 -16.32
N ILE B 215 -12.98 10.84 -15.26
CA ILE B 215 -13.30 9.69 -14.44
C ILE B 215 -14.73 9.78 -13.93
N ASP B 216 -15.09 10.94 -13.35
CA ASP B 216 -16.37 11.10 -12.68
C ASP B 216 -17.51 11.02 -13.70
N ARG B 217 -17.27 11.56 -14.89
CA ARG B 217 -18.29 11.53 -15.94
C ARG B 217 -18.46 10.12 -16.51
N ILE B 218 -17.37 9.37 -16.68
CA ILE B 218 -17.48 7.98 -17.13
C ILE B 218 -18.33 7.22 -16.12
N THR B 219 -18.02 7.39 -14.83
CA THR B 219 -18.75 6.70 -13.81
C THR B 219 -20.24 7.05 -13.88
N GLU B 220 -20.54 8.34 -14.00
CA GLU B 220 -21.92 8.82 -14.00
C GLU B 220 -22.71 8.21 -15.18
N LEU B 221 -22.10 8.19 -16.37
CA LEU B 221 -22.77 7.69 -17.57
C LEU B 221 -22.87 6.16 -17.57
N SER B 222 -22.11 5.46 -16.72
CA SER B 222 -22.06 4.00 -16.74
C SER B 222 -23.20 3.32 -15.98
N ASP B 223 -24.07 4.09 -15.30
CA ASP B 223 -25.22 3.54 -14.57
C ASP B 223 -24.76 2.46 -13.61
N TRP B 224 -23.78 2.83 -12.77
CA TRP B 224 -23.10 1.90 -11.89
C TRP B 224 -23.85 1.74 -10.57
N LYS B 225 -23.85 0.53 -10.02
CA LYS B 225 -24.25 0.27 -8.65
C LYS B 225 -23.29 -0.74 -8.00
N PRO B 226 -23.08 -0.69 -6.68
CA PRO B 226 -22.19 -1.62 -5.99
C PRO B 226 -22.76 -3.02 -5.91
N THR B 227 -21.88 -3.99 -5.65
CA THR B 227 -22.25 -5.38 -5.40
C THR B 227 -21.90 -5.76 -3.96
N GLY B 228 -22.83 -6.40 -3.25
CA GLY B 228 -22.55 -6.99 -1.94
C GLY B 228 -22.19 -5.94 -0.89
N ASP B 229 -21.13 -6.23 -0.13
CA ASP B 229 -20.73 -5.46 1.05
CA ASP B 229 -20.72 -5.47 1.05
C ASP B 229 -20.18 -4.08 0.66
N ASN B 230 -19.71 -3.91 -0.57
CA ASN B 230 -19.09 -2.66 -0.99
C ASN B 230 -17.92 -2.30 -0.06
N CYS B 231 -17.06 -3.28 0.22
CA CYS B 231 -15.92 -3.05 1.09
C CYS B 231 -14.72 -2.64 0.24
N GLY B 232 -14.15 -1.45 0.50
CA GLY B 232 -13.04 -0.98 -0.31
C GLY B 232 -11.67 -1.43 0.20
N ALA B 233 -11.59 -2.66 0.73
CA ALA B 233 -10.35 -3.19 1.31
C ALA B 233 -9.46 -3.74 0.21
N ILE B 234 -8.17 -3.41 0.25
CA ILE B 234 -7.24 -3.96 -0.71
C ILE B 234 -6.42 -5.04 -0.02
N VAL B 235 -5.89 -5.95 -0.84
CA VAL B 235 -4.94 -6.97 -0.43
C VAL B 235 -3.58 -6.30 -0.24
N LEU B 236 -2.97 -6.47 0.95
CA LEU B 236 -1.83 -5.64 1.36
C LEU B 236 -0.49 -6.27 0.99
N GLY B 237 -0.50 -7.52 0.50
CA GLY B 237 0.72 -8.19 0.08
C GLY B 237 0.43 -9.59 -0.43
N PRO B 238 1.41 -10.25 -1.11
CA PRO B 238 1.15 -11.54 -1.73
C PRO B 238 1.14 -12.61 -0.63
N GLY B 239 0.33 -13.65 -0.83
CA GLY B 239 0.27 -14.79 0.08
C GLY B 239 -0.16 -14.42 1.50
N LEU B 240 -1.38 -13.88 1.64
CA LEU B 240 -1.93 -13.54 2.94
C LEU B 240 -3.17 -14.41 3.24
C1 NAG C . 2.08 -14.02 32.72
C2 NAG C . 1.64 -15.47 32.54
C3 NAG C . 0.68 -15.90 33.66
C4 NAG C . 1.18 -15.50 35.04
C5 NAG C . 1.62 -14.04 35.06
C6 NAG C . 2.25 -13.66 36.39
C7 NAG C . 1.71 -16.33 30.27
C8 NAG C . 1.02 -16.51 28.95
N2 NAG C . 1.05 -15.72 31.25
O3 NAG C . 0.54 -17.32 33.57
O4 NAG C . 0.11 -15.68 35.97
O5 NAG C . 2.61 -13.79 34.04
O6 NAG C . 3.58 -14.23 36.48
O7 NAG C . 2.86 -16.74 30.43
C1 NAG D . -17.93 11.25 14.73
C2 NAG D . -18.22 11.76 13.31
C3 NAG D . -19.23 12.91 13.34
C4 NAG D . -20.41 12.70 14.30
C5 NAG D . -19.91 12.17 15.66
C6 NAG D . -21.03 11.83 16.64
C7 NAG D . -16.40 11.44 11.72
C8 NAG D . -14.91 11.58 11.62
N2 NAG D . -17.02 12.19 12.63
O3 NAG D . -19.68 13.00 12.00
O4 NAG D . -21.06 13.96 14.48
O5 NAG D . -19.14 10.97 15.42
O6 NAG D . -21.61 10.54 16.41
O7 NAG D . -17.02 10.67 10.99
C1 NAG E . 17.37 10.93 0.30
C2 NAG E . 17.70 12.32 -0.26
C3 NAG E . 18.28 12.21 -1.67
C4 NAG E . 19.41 11.19 -1.73
C5 NAG E . 18.90 9.85 -1.21
C6 NAG E . 19.94 8.76 -1.18
C7 NAG E . 16.41 14.38 0.19
C8 NAG E . 15.11 15.08 -0.08
N2 NAG E . 16.52 13.14 -0.30
O3 NAG E . 18.72 13.48 -2.11
O4 NAG E . 19.80 11.18 -3.11
O5 NAG E . 18.47 10.03 0.16
O6 NAG E . 19.45 7.55 -0.59
O7 NAG E . 17.31 14.91 0.84
CHA HEM F . 2.92 1.37 16.34
CHB HEM F . 4.37 1.69 11.83
CHC HEM F . 8.05 -1.29 12.81
CHD HEM F . 6.65 -1.41 17.40
C1A HEM F . 3.05 1.73 15.07
C2A HEM F . 2.13 2.64 14.41
C3A HEM F . 2.56 2.78 13.16
C4A HEM F . 3.69 1.90 13.01
CMA HEM F . 1.97 3.62 12.07
CAA HEM F . 1.01 3.38 15.11
CBA HEM F . -0.13 2.37 15.34
CGA HEM F . -1.03 2.95 16.41
O1A HEM F . -2.01 3.63 16.13
O2A HEM F . -0.77 2.74 17.59
C1B HEM F . 5.49 0.85 11.68
C2B HEM F . 6.11 0.63 10.44
C3B HEM F . 7.17 -0.21 10.71
C4B HEM F . 7.10 -0.52 12.14
CMB HEM F . 5.81 1.22 9.11
CAB HEM F . 8.14 -0.87 9.81
CBB HEM F . 7.91 -1.18 8.57
C1C HEM F . 8.10 -1.48 14.15
C2C HEM F . 9.13 -2.15 14.88
C3C HEM F . 8.72 -2.24 16.16
C4C HEM F . 7.42 -1.56 16.28
CMC HEM F . 10.41 -2.66 14.15
CAC HEM F . 9.54 -2.84 17.19
CBC HEM F . 9.16 -3.12 18.38
C1D HEM F . 5.46 -0.67 17.49
C2D HEM F . 4.62 -0.62 18.70
C3D HEM F . 3.57 0.17 18.39
C4D HEM F . 3.80 0.53 17.01
CMD HEM F . 4.91 -1.26 20.03
CAD HEM F . 2.43 0.50 19.35
CBD HEM F . 2.39 1.95 19.83
CGD HEM F . 1.12 2.16 20.64
O1D HEM F . 0.17 1.30 20.61
O2D HEM F . 1.05 3.15 21.39
NA HEM F . 3.94 1.28 14.18
NB HEM F . 6.07 0.14 12.70
NC HEM F . 7.14 -1.15 15.04
ND HEM F . 4.94 0.00 16.43
FE HEM F . 5.56 0.17 14.67
C1 D12 G . 0.34 -10.38 10.29
C2 D12 G . 1.36 -9.34 10.75
C3 D12 G . 1.23 -7.95 10.16
C4 D12 G . -0.17 -7.36 10.17
C5 D12 G . -0.93 -7.46 8.86
C6 D12 G . -0.28 -6.73 7.70
C7 D12 G . -0.02 -5.24 7.94
C8 D12 G . 1.35 -4.90 8.54
C9 D12 G . 1.34 -3.97 9.73
C10 D12 G . 2.28 -4.35 10.87
C11 D12 G . 1.98 -3.65 12.17
C12 D12 G . 2.69 -2.33 12.44
C1 PEG H . 20.27 16.91 8.52
O1 PEG H . 20.11 16.50 9.89
C2 PEG H . 19.36 18.04 8.15
O2 PEG H . 18.15 18.01 8.91
C3 PEG H . 17.11 18.78 8.30
C4 PEG H . 15.91 17.94 8.14
O4 PEG H . 15.45 17.90 6.78
C1 PEG I . 21.22 11.90 7.51
O1 PEG I . 19.88 12.41 7.28
C2 PEG I . 21.38 10.44 7.16
O2 PEG I . 21.88 9.72 8.29
C3 PEG I . 21.54 8.33 8.31
C4 PEG I . 21.90 7.70 9.65
O4 PEG I . 21.33 6.33 9.82
C1 GOL J . 15.51 9.37 -2.63
O1 GOL J . 14.90 8.11 -2.35
C2 GOL J . 14.49 10.49 -2.82
O2 GOL J . 14.02 10.93 -1.55
C3 GOL J . 15.06 11.68 -3.60
O3 GOL J . 14.10 12.72 -3.81
C1 GOL K . -1.45 15.50 14.38
O1 GOL K . -0.51 16.01 15.31
C2 GOL K . -2.21 14.34 15.00
O2 GOL K . -2.79 13.57 13.93
C3 GOL K . -3.20 14.86 16.02
O3 GOL K . -3.82 13.86 16.80
C1 PEG L . -0.28 16.24 23.37
O1 PEG L . -0.59 17.16 22.31
C2 PEG L . -1.41 16.10 24.35
O2 PEG L . -2.63 15.81 23.68
C3 PEG L . -3.76 15.81 24.55
C4 PEG L . -5.03 15.57 23.74
O4 PEG L . -5.23 16.51 22.69
C1 PEG M . -6.14 7.53 29.96
O1 PEG M . -6.71 8.81 30.05
C2 PEG M . -7.12 6.46 29.60
O2 PEG M . -6.84 5.28 30.36
C3 PEG M . -5.54 4.72 30.16
C4 PEG M . -5.57 3.71 29.02
O4 PEG M . -6.73 2.83 29.07
MG MG N . -3.12 5.09 17.34
S SO4 O . 17.82 22.39 16.97
O1 SO4 O . 17.61 21.83 18.31
O2 SO4 O . 19.12 23.10 16.97
O3 SO4 O . 16.71 23.30 16.66
O4 SO4 O . 17.86 21.31 15.98
S SO4 P . 7.71 16.48 7.78
O1 SO4 P . 7.94 17.28 8.96
O2 SO4 P . 8.95 15.87 7.40
O3 SO4 P . 7.28 17.34 6.72
O4 SO4 P . 6.72 15.43 8.05
C1 NAG Q . -19.16 10.04 -28.58
C2 NAG Q . -20.01 11.25 -28.16
C3 NAG Q . -21.47 10.99 -28.54
C4 NAG Q . -21.59 10.71 -30.04
C5 NAG Q . -20.65 9.57 -30.41
C6 NAG Q . -20.60 9.31 -31.92
C7 NAG Q . -19.18 12.43 -26.15
C8 NAG Q . -19.15 12.40 -24.67
N2 NAG Q . -19.98 11.55 -26.74
O3 NAG Q . -22.26 12.11 -28.15
O4 NAG Q . -22.93 10.30 -30.32
O5 NAG Q . -19.29 9.86 -29.98
O6 NAG Q . -19.76 10.24 -32.62
O7 NAG Q . -18.49 13.22 -26.80
C1 NAG R . -16.91 -17.82 -4.30
C2 NAG R . -15.67 -18.64 -3.90
C3 NAG R . -16.07 -19.76 -2.95
C4 NAG R . -16.94 -19.27 -1.79
C5 NAG R . -18.11 -18.41 -2.30
C6 NAG R . -18.88 -17.71 -1.20
C7 NAG R . -13.71 -18.87 -5.41
C8 NAG R . -13.37 -19.14 -6.85
N2 NAG R . -14.94 -19.23 -5.02
O3 NAG R . -14.87 -20.34 -2.46
O4 NAG R . -17.48 -20.40 -1.12
O5 NAG R . -17.61 -17.36 -3.15
O6 NAG R . -19.95 -18.51 -0.70
O7 NAG R . -12.91 -18.32 -4.66
CHA HEM S . -4.90 -1.79 -15.91
CHB HEM S . -3.36 2.04 -18.42
CHC HEM S . -0.15 3.06 -14.92
CHD HEM S . -1.44 -0.96 -12.70
C1A HEM S . -4.81 -0.75 -16.80
C2A HEM S . -5.73 -0.58 -17.85
C3A HEM S . -5.29 0.46 -18.58
C4A HEM S . -4.12 0.98 -17.96
CMA HEM S . -5.97 1.05 -19.77
CAA HEM S . -6.98 -1.42 -18.03
CBA HEM S . -6.72 -2.76 -18.74
CGA HEM S . -8.02 -3.56 -18.79
O1A HEM S . -7.98 -4.60 -19.49
O2A HEM S . -9.11 -3.24 -18.16
C1B HEM S . -2.34 2.62 -17.67
C2B HEM S . -1.66 3.78 -18.11
C3B HEM S . -0.77 4.11 -17.14
C4B HEM S . -0.88 3.06 -16.11
CMB HEM S . -1.84 4.56 -19.37
CAB HEM S . 0.15 5.22 -17.32
CBB HEM S . 1.36 5.11 -16.84
C1C HEM S . -0.26 2.09 -13.96
C2C HEM S . 0.55 2.00 -12.79
C3C HEM S . 0.16 0.89 -12.15
C4C HEM S . -0.85 0.26 -12.96
CMC HEM S . 1.52 3.04 -12.30
CAC HEM S . 0.68 0.23 -10.93
CBC HEM S . 1.92 0.39 -10.53
C1D HEM S . -2.46 -1.54 -13.44
C2D HEM S . -3.12 -2.77 -13.04
C3D HEM S . -4.07 -2.97 -13.93
C4D HEM S . -4.00 -1.87 -14.85
CMD HEM S . -2.80 -3.68 -11.87
CAD HEM S . -5.03 -4.13 -13.90
CBD HEM S . -6.46 -3.74 -13.54
CGD HEM S . -7.41 -4.73 -14.15
O1D HEM S . -7.81 -5.70 -13.49
O2D HEM S . -7.83 -4.56 -15.32
NA HEM S . -3.84 0.21 -16.91
NB HEM S . -1.86 2.21 -16.47
NC HEM S . -1.05 1.03 -14.04
ND HEM S . -3.03 -0.98 -14.57
FE HEM S . -2.42 0.51 -15.50
C1 D12 T . -12.23 14.53 -4.31
C2 D12 T . -12.79 15.10 -5.60
C3 D12 T . -13.09 14.06 -6.65
C4 D12 T . -12.47 14.28 -8.01
C5 D12 T . -11.76 13.06 -8.58
C6 D12 T . -12.35 11.71 -8.20
C7 D12 T . -11.72 10.51 -8.86
C8 D12 T . -10.23 10.62 -9.12
C9 D12 T . -9.36 9.98 -8.08
C10 D12 T . -8.31 9.06 -8.65
C11 D12 T . -7.30 8.61 -7.63
C12 D12 T . -7.92 7.89 -6.46
C1 D12 U . -4.11 1.92 -14.23
C2 D12 U . -4.61 1.42 -12.90
C3 D12 U . -4.16 2.28 -11.76
C4 D12 U . -4.71 3.69 -11.78
C5 D12 U . -5.60 4.03 -10.60
C6 D12 U . -5.10 3.51 -9.29
C7 D12 U . -5.43 4.38 -8.10
C8 D12 U . -5.04 3.74 -6.78
C9 D12 U . -6.16 3.68 -5.78
C10 D12 U . -6.59 5.03 -5.24
C11 D12 U . -8.07 5.18 -5.01
C12 D12 U . -8.95 4.95 -6.24
C1 PEG V . -17.14 15.48 -23.27
O1 PEG V . -15.90 15.08 -23.83
C2 PEG V . -17.14 15.37 -21.80
O2 PEG V . -18.44 15.39 -21.26
C3 PEG V . -19.07 14.11 -21.22
C4 PEG V . -20.51 14.22 -20.94
O4 PEG V . -21.46 14.12 -22.07
MG MG W . -8.64 -7.64 -14.04
S SO4 X . 17.45 -1.25 -25.50
O1 SO4 X . 18.04 -2.56 -25.67
O2 SO4 X . 18.47 -0.22 -25.38
O3 SO4 X . 16.62 -0.93 -26.64
O4 SO4 X . 16.65 -1.24 -24.29
S SO4 Y . 8.26 -12.82 -12.06
O1 SO4 Y . 8.23 -12.47 -13.47
O2 SO4 Y . 9.53 -12.43 -11.48
O3 SO4 Y . 8.11 -14.25 -11.92
O4 SO4 Y . 7.17 -12.15 -11.36
#